data_7OFK
#
_entry.id   7OFK
#
_cell.length_a   61.05
_cell.length_b   61.05
_cell.length_c   159.78
_cell.angle_alpha   90
_cell.angle_beta   90
_cell.angle_gamma   90
#
_symmetry.space_group_name_H-M   'P 41 21 2'
#
loop_
_entity.id
_entity.type
_entity.pdbx_description
1 polymer 'Nuclear receptor ROR-gamma'
2 polymer 'Nuclear receptor coactivator 2'
3 non-polymer (1~{R})-2-ethanoyl-~{N}-[4-[1,1,1,3,3,3-hexakis(fluoranyl)-2-oxidanyl-propan-2-yl]phenyl]-5-methylsulfonyl-1,3-dihydroisoindole-1-carboxamide
4 non-polymer 'DIMETHYL SULFOXIDE'
5 non-polymer 'SODIUM ION'
6 water water
#
loop_
_entity_poly.entity_id
_entity_poly.type
_entity_poly.pdbx_seq_one_letter_code
_entity_poly.pdbx_strand_id
1 'polypeptide(L)'
;HNHNHNHNHNHNGGENLYFQGASLTEIEHLVQSVCKSYRETCQLRLEDLLRQRSNIFSREEVTGYQRKSMWEMWERCAHH
LTEAIQYVVEFAKRLSGFMELCQNDQIVLLKAGAMEVVLVRMCRAYNADNRTVFFEGKYGGMELFRALGCSELISSIFDF
SHSLSALHFSEDEIALYTALVLINAHRPGLQEKRKVEQLQYNLELAFHHHLCKTHRQSILAKLPPKGKLRSLCSQHVERL
QIFQHLHPIVVQAAFPPLYKELFSGG
;
A
2 'polypeptide(L)' GKEKHKILHRLLQDSS C
#
loop_
_chem_comp.id
_chem_comp.type
_chem_comp.name
_chem_comp.formula
DMS non-polymer 'DIMETHYL SULFOXIDE' 'C2 H6 O S'
NA non-polymer 'SODIUM ION' 'Na 1'
VCH non-polymer (1~{R})-2-ethanoyl-~{N}-[4-[1,1,1,3,3,3-hexakis(fluoranyl)-2-oxidanyl-propan-2-yl]phenyl]-5-methylsulfonyl-1,3-dihydroisoindole-1-carboxamide 'C21 H18 F6 N2 O5 S'
#
# COMPACT_ATOMS: atom_id res chain seq x y z
N GLU A 15 -18.43 -20.74 4.99
CA GLU A 15 -18.20 -19.31 5.12
C GLU A 15 -17.86 -18.63 3.79
N ASN A 16 -17.04 -19.26 2.92
CA ASN A 16 -16.75 -18.68 1.61
C ASN A 16 -16.21 -19.74 0.66
N LEU A 17 -16.62 -19.67 -0.62
CA LEU A 17 -16.20 -20.62 -1.66
C LEU A 17 -14.67 -20.72 -1.74
N TYR A 18 -13.98 -19.58 -1.62
CA TYR A 18 -12.54 -19.56 -1.75
C TYR A 18 -11.78 -20.03 -0.48
N PHE A 19 -12.50 -20.50 0.56
CA PHE A 19 -11.82 -21.17 1.69
C PHE A 19 -11.63 -22.67 1.41
N GLN A 20 -12.11 -23.16 0.26
CA GLN A 20 -11.96 -24.55 -0.17
C GLN A 20 -11.38 -24.54 -1.62
N GLY A 21 -11.26 -25.72 -2.22
CA GLY A 21 -10.76 -25.82 -3.58
C GLY A 21 -11.67 -25.15 -4.60
N ALA A 22 -11.11 -24.31 -5.46
CA ALA A 22 -11.88 -23.61 -6.46
C ALA A 22 -11.55 -24.17 -7.84
N SER A 23 -12.58 -24.29 -8.69
CA SER A 23 -12.43 -24.73 -10.07
C SER A 23 -11.83 -23.62 -10.97
N LEU A 24 -11.45 -23.96 -12.23
CA LEU A 24 -10.97 -22.96 -13.18
C LEU A 24 -12.02 -21.87 -13.39
N THR A 25 -13.31 -22.23 -13.53
CA THR A 25 -14.36 -21.25 -13.70
C THR A 25 -14.44 -20.32 -12.48
N GLU A 26 -14.32 -20.88 -11.27
CA GLU A 26 -14.34 -20.09 -10.04
C GLU A 26 -13.09 -19.19 -9.91
N ILE A 27 -11.95 -19.64 -10.45
CA ILE A 27 -10.73 -18.83 -10.46
C ILE A 27 -10.91 -17.67 -11.44
N GLU A 28 -11.54 -17.92 -12.60
CA GLU A 28 -11.84 -16.84 -13.55
C GLU A 28 -12.76 -15.78 -12.90
N HIS A 29 -13.75 -16.23 -12.11
CA HIS A 29 -14.64 -15.33 -11.37
C HIS A 29 -13.83 -14.54 -10.32
N LEU A 30 -12.87 -15.18 -9.68
CA LEU A 30 -12.00 -14.51 -8.70
C LEU A 30 -11.17 -13.42 -9.36
N VAL A 31 -10.61 -13.66 -10.57
CA VAL A 31 -9.85 -12.62 -11.27
C VAL A 31 -10.72 -11.37 -11.50
N GLN A 32 -11.95 -11.57 -12.03
CA GLN A 32 -12.87 -10.48 -12.29
C GLN A 32 -13.21 -9.72 -11.01
N SER A 33 -13.49 -10.45 -9.94
CA SER A 33 -13.88 -9.88 -8.65
C SER A 33 -12.75 -9.03 -8.01
N VAL A 34 -11.50 -9.51 -8.08
CA VAL A 34 -10.37 -8.77 -7.53
C VAL A 34 -10.13 -7.49 -8.31
N CYS A 35 -10.17 -7.59 -9.64
CA CYS A 35 -9.94 -6.44 -10.49
C CYS A 35 -11.03 -5.37 -10.29
N LYS A 36 -12.27 -5.81 -10.07
CA LYS A 36 -13.40 -4.91 -9.82
C LYS A 36 -13.18 -4.20 -8.49
N SER A 37 -12.85 -4.95 -7.43
CA SER A 37 -12.61 -4.40 -6.09
C SER A 37 -11.48 -3.38 -6.14
N TYR A 38 -10.40 -3.70 -6.86
CA TYR A 38 -9.30 -2.76 -7.02
C TYR A 38 -9.74 -1.48 -7.76
N ARG A 39 -10.47 -1.62 -8.89
CA ARG A 39 -10.93 -0.47 -9.68
C ARG A 39 -11.76 0.48 -8.84
N GLU A 40 -12.61 -0.08 -7.96
CA GLU A 40 -13.48 0.74 -7.13
C GLU A 40 -12.79 1.41 -5.95
N THR A 41 -11.52 1.02 -5.66
CA THR A 41 -10.78 1.54 -4.51
C THR A 41 -9.35 1.97 -4.85
N CYS A 42 -9.05 2.25 -6.10
CA CYS A 42 -7.69 2.57 -6.53
C CYS A 42 -7.22 3.97 -6.10
N GLN A 43 -8.13 4.81 -5.53
CA GLN A 43 -7.84 6.17 -5.04
C GLN A 43 -7.76 7.20 -6.15
N LEU A 44 -6.75 7.10 -7.02
CA LEU A 44 -6.66 7.97 -8.19
C LEU A 44 -6.58 7.09 -9.43
N ARG A 45 -7.32 7.45 -10.51
CA ARG A 45 -7.24 6.72 -11.77
C ARG A 45 -5.83 6.85 -12.34
N LEU A 46 -5.31 5.78 -12.97
CA LEU A 46 -3.96 5.81 -13.52
C LEU A 46 -3.76 6.93 -14.54
N GLU A 47 -4.71 7.11 -15.44
CA GLU A 47 -4.68 8.13 -16.49
C GLU A 47 -4.54 9.53 -15.88
N ASP A 48 -5.20 9.75 -14.73
CA ASP A 48 -5.14 11.02 -13.98
C ASP A 48 -3.74 11.27 -13.40
N LEU A 49 -3.05 10.20 -12.99
CA LEU A 49 -1.67 10.35 -12.49
C LEU A 49 -0.70 10.59 -13.67
N LEU A 50 -0.86 9.84 -14.78
CA LEU A 50 0.05 9.99 -15.92
C LEU A 50 -0.08 11.38 -16.55
N ARG A 51 -1.31 11.89 -16.64
CA ARG A 51 -1.56 13.20 -17.24
CA ARG A 51 -1.58 13.20 -17.21
C ARG A 51 -0.84 14.30 -16.44
N GLN A 52 -0.81 14.17 -15.12
CA GLN A 52 -0.18 15.16 -14.26
C GLN A 52 1.34 15.09 -14.21
N ARG A 53 1.99 14.16 -14.95
CA ARG A 53 3.45 14.06 -14.94
C ARG A 53 4.19 15.31 -15.38
N SER A 54 3.57 16.10 -16.25
CA SER A 54 4.14 17.36 -16.74
C SER A 54 4.04 18.48 -15.69
N ASN A 55 3.21 18.31 -14.64
CA ASN A 55 3.10 19.31 -13.58
C ASN A 55 4.18 19.02 -12.53
N ILE A 56 5.31 19.70 -12.65
CA ILE A 56 6.47 19.44 -11.80
C ILE A 56 6.77 20.61 -10.90
N PHE A 57 7.03 20.36 -9.61
CA PHE A 57 7.39 21.43 -8.67
C PHE A 57 8.60 22.21 -9.16
N SER A 58 8.53 23.54 -9.16
CA SER A 58 9.65 24.37 -9.53
C SER A 58 10.74 24.34 -8.43
N ARG A 59 11.93 24.88 -8.70
CA ARG A 59 13.04 25.00 -7.75
C ARG A 59 12.56 25.79 -6.50
N GLU A 60 11.75 26.85 -6.72
CA GLU A 60 11.19 27.68 -5.66
C GLU A 60 10.25 26.87 -4.77
N GLU A 61 9.37 26.07 -5.38
CA GLU A 61 8.42 25.22 -4.66
C GLU A 61 9.16 24.11 -3.90
N VAL A 62 10.19 23.52 -4.50
CA VAL A 62 11.00 22.50 -3.81
C VAL A 62 11.65 23.11 -2.55
N THR A 63 12.22 24.31 -2.70
CA THR A 63 12.81 25.06 -1.60
C THR A 63 11.77 25.32 -0.49
N GLY A 64 10.53 25.64 -0.87
CA GLY A 64 9.46 25.86 0.09
C GLY A 64 9.18 24.61 0.93
N TYR A 65 9.16 23.43 0.27
CA TYR A 65 8.96 22.18 1.02
C TYR A 65 10.15 21.89 1.91
N GLN A 66 11.37 22.17 1.44
CA GLN A 66 12.56 21.93 2.23
C GLN A 66 12.65 22.88 3.42
N ARG A 67 12.02 24.06 3.35
CA ARG A 67 12.03 25.01 4.46
C ARG A 67 10.97 24.73 5.52
N LYS A 68 10.05 23.79 5.24
CA LYS A 68 9.06 23.39 6.22
C LYS A 68 9.77 22.69 7.38
N SER A 69 9.20 22.81 8.56
CA SER A 69 9.79 22.17 9.73
C SER A 69 9.66 20.64 9.57
N MET A 70 10.51 19.88 10.28
CA MET A 70 10.46 18.43 10.22
C MET A 70 9.09 17.93 10.69
N TRP A 71 8.53 18.54 11.75
CA TRP A 71 7.25 18.06 12.28
C TRP A 71 6.10 18.35 11.35
N GLU A 72 6.09 19.53 10.69
CA GLU A 72 4.96 19.82 9.77
C GLU A 72 5.01 18.89 8.54
N MET A 73 6.22 18.56 8.08
CA MET A 73 6.36 17.68 6.93
C MET A 73 5.96 16.25 7.32
N TRP A 74 6.36 15.78 8.52
CA TRP A 74 5.96 14.47 9.03
C TRP A 74 4.42 14.40 9.16
N GLU A 75 3.76 15.47 9.71
N GLU A 75 3.79 15.46 9.68
CA GLU A 75 2.29 15.45 9.84
CA GLU A 75 2.35 15.46 9.84
C GLU A 75 1.63 15.36 8.47
C GLU A 75 1.64 15.37 8.47
N ARG A 76 2.11 16.16 7.50
CA ARG A 76 1.50 16.16 6.17
C ARG A 76 1.65 14.76 5.51
N CYS A 77 2.84 14.17 5.64
CA CYS A 77 3.06 12.87 5.01
C CYS A 77 2.28 11.75 5.71
N ALA A 78 2.13 11.83 7.04
CA ALA A 78 1.35 10.83 7.76
C ALA A 78 -0.11 10.92 7.32
N HIS A 79 -0.66 12.14 7.16
CA HIS A 79 -2.03 12.36 6.66
CA HIS A 79 -2.05 12.27 6.69
C HIS A 79 -2.21 11.73 5.26
N HIS A 80 -1.27 12.02 4.33
CA HIS A 80 -1.37 11.47 2.96
C HIS A 80 -1.28 9.94 2.98
N LEU A 81 -0.42 9.36 3.84
CA LEU A 81 -0.33 7.89 3.93
C LEU A 81 -1.64 7.34 4.48
N THR A 82 -2.23 8.02 5.49
CA THR A 82 -3.49 7.58 6.10
C THR A 82 -4.59 7.61 5.09
N GLU A 83 -4.63 8.64 4.22
CA GLU A 83 -5.68 8.67 3.18
C GLU A 83 -5.53 7.46 2.23
N ALA A 84 -4.28 7.15 1.85
CA ALA A 84 -4.04 6.01 0.97
C ALA A 84 -4.42 4.69 1.64
N ILE A 85 -4.10 4.56 2.94
CA ILE A 85 -4.45 3.39 3.73
C ILE A 85 -5.96 3.15 3.80
N GLN A 86 -6.77 4.23 3.93
CA GLN A 86 -8.23 4.05 3.98
C GLN A 86 -8.76 3.40 2.70
N TYR A 87 -8.19 3.72 1.54
CA TYR A 87 -8.63 3.07 0.27
C TYR A 87 -8.23 1.57 0.30
N VAL A 88 -7.06 1.24 0.88
CA VAL A 88 -6.61 -0.16 1.02
C VAL A 88 -7.53 -0.93 1.98
N VAL A 89 -8.02 -0.28 3.05
CA VAL A 89 -8.95 -0.94 3.97
C VAL A 89 -10.23 -1.31 3.21
N GLU A 90 -10.72 -0.38 2.38
CA GLU A 90 -11.93 -0.61 1.59
C GLU A 90 -11.69 -1.72 0.54
N PHE A 91 -10.49 -1.71 -0.10
CA PHE A 91 -10.08 -2.77 -1.05
C PHE A 91 -10.15 -4.14 -0.35
N ALA A 92 -9.60 -4.24 0.85
CA ALA A 92 -9.64 -5.45 1.64
C ALA A 92 -11.09 -5.89 1.95
N LYS A 93 -11.95 -4.96 2.39
CA LYS A 93 -13.34 -5.30 2.69
C LYS A 93 -14.10 -5.84 1.48
N ARG A 94 -13.72 -5.43 0.27
CA ARG A 94 -14.37 -5.87 -0.96
C ARG A 94 -13.76 -7.15 -1.57
N LEU A 95 -12.64 -7.62 -1.04
CA LEU A 95 -11.94 -8.79 -1.55
C LEU A 95 -12.69 -10.02 -1.10
N SER A 96 -13.02 -10.94 -2.04
CA SER A 96 -13.71 -12.20 -1.70
C SER A 96 -13.10 -12.92 -0.52
N GLY A 97 -13.91 -13.28 0.45
CA GLY A 97 -13.45 -14.02 1.60
C GLY A 97 -12.95 -13.20 2.76
N PHE A 98 -12.41 -11.98 2.50
CA PHE A 98 -11.86 -11.18 3.59
C PHE A 98 -12.86 -10.93 4.74
N MET A 99 -14.09 -10.50 4.44
CA MET A 99 -15.09 -10.24 5.48
C MET A 99 -15.56 -11.49 6.22
N GLU A 100 -15.31 -12.67 5.65
CA GLU A 100 -15.64 -13.94 6.29
C GLU A 100 -14.53 -14.41 7.25
N LEU A 101 -13.34 -13.76 7.24
CA LEU A 101 -12.32 -14.05 8.22
C LEU A 101 -12.77 -13.43 9.55
N CYS A 102 -12.25 -13.96 10.67
CA CYS A 102 -12.56 -13.40 11.98
C CYS A 102 -11.93 -12.00 12.12
N GLN A 103 -12.51 -11.14 12.96
CA GLN A 103 -11.99 -9.77 13.15
C GLN A 103 -10.51 -9.73 13.53
N ASN A 104 -10.06 -10.66 14.39
CA ASN A 104 -8.64 -10.70 14.78
C ASN A 104 -7.73 -10.78 13.54
N ASP A 105 -8.09 -11.67 12.63
CA ASP A 105 -7.31 -11.93 11.42
C ASP A 105 -7.42 -10.81 10.42
N GLN A 106 -8.60 -10.18 10.29
CA GLN A 106 -8.73 -9.01 9.39
C GLN A 106 -7.76 -7.90 9.83
N ILE A 107 -7.68 -7.68 11.14
CA ILE A 107 -6.82 -6.66 11.73
C ILE A 107 -5.34 -7.06 11.63
N VAL A 108 -4.99 -8.34 11.86
CA VAL A 108 -3.62 -8.79 11.69
C VAL A 108 -3.17 -8.54 10.22
N LEU A 109 -4.01 -8.93 9.26
CA LEU A 109 -3.63 -8.78 7.85
C LEU A 109 -3.52 -7.33 7.45
N LEU A 110 -4.46 -6.47 7.93
CA LEU A 110 -4.40 -5.06 7.58
C LEU A 110 -3.23 -4.36 8.28
N LYS A 111 -2.95 -4.67 9.55
CA LYS A 111 -1.81 -4.05 10.24
C LYS A 111 -0.49 -4.38 9.56
N ALA A 112 -0.35 -5.64 9.11
CA ALA A 112 0.90 -6.07 8.48
C ALA A 112 1.00 -5.65 7.01
N GLY A 113 -0.14 -5.63 6.31
CA GLY A 113 -0.13 -5.46 4.87
C GLY A 113 -0.62 -4.18 4.24
N ALA A 114 -1.35 -3.33 4.99
CA ALA A 114 -1.87 -2.09 4.39
C ALA A 114 -0.75 -1.20 3.86
N MET A 115 0.34 -1.02 4.64
CA MET A 115 1.45 -0.18 4.19
C MET A 115 2.19 -0.83 2.99
N GLU A 116 2.29 -2.17 2.98
CA GLU A 116 2.92 -2.85 1.86
C GLU A 116 2.11 -2.59 0.55
N VAL A 117 0.78 -2.61 0.66
CA VAL A 117 -0.10 -2.35 -0.49
C VAL A 117 0.09 -0.90 -0.94
N VAL A 118 0.12 0.04 0.02
CA VAL A 118 0.38 1.45 -0.34
C VAL A 118 1.70 1.63 -1.08
N LEU A 119 2.77 0.98 -0.58
CA LEU A 119 4.08 1.05 -1.27
C LEU A 119 4.05 0.50 -2.68
N VAL A 120 3.29 -0.57 -2.92
CA VAL A 120 3.14 -1.13 -4.25
C VAL A 120 2.32 -0.14 -5.13
N ARG A 121 1.12 0.30 -4.65
CA ARG A 121 0.27 1.25 -5.40
C ARG A 121 1.05 2.52 -5.80
N MET A 122 2.00 2.93 -4.94
CA MET A 122 2.80 4.14 -5.14
C MET A 122 3.54 4.15 -6.45
N CYS A 123 3.93 2.96 -7.00
CA CYS A 123 4.62 2.95 -8.30
C CYS A 123 3.76 3.63 -9.40
N ARG A 124 2.43 3.62 -9.26
CA ARG A 124 1.55 4.27 -10.26
C ARG A 124 1.81 5.79 -10.32
N ALA A 125 2.18 6.37 -9.18
CA ALA A 125 2.43 7.81 -9.04
C ALA A 125 3.89 8.18 -9.19
N TYR A 126 4.74 7.23 -9.62
CA TYR A 126 6.16 7.47 -9.75
C TYR A 126 6.50 7.49 -11.22
N ASN A 127 7.27 8.48 -11.63
CA ASN A 127 7.69 8.63 -13.01
C ASN A 127 9.18 8.29 -13.06
N ALA A 128 9.53 7.13 -13.65
CA ALA A 128 10.92 6.68 -13.77
C ALA A 128 11.75 7.54 -14.73
N ASP A 129 11.10 8.23 -15.69
CA ASP A 129 11.83 9.10 -16.63
C ASP A 129 12.63 10.21 -15.95
N ASN A 130 12.07 10.78 -14.87
CA ASN A 130 12.74 11.85 -14.14
C ASN A 130 12.89 11.62 -12.63
N ARG A 131 12.52 10.42 -12.15
CA ARG A 131 12.62 10.01 -10.74
C ARG A 131 11.81 10.92 -9.81
N THR A 132 10.54 11.17 -10.19
CA THR A 132 9.65 12.02 -9.39
C THR A 132 8.40 11.25 -8.96
N VAL A 133 7.76 11.70 -7.88
CA VAL A 133 6.56 11.07 -7.35
C VAL A 133 5.48 12.16 -7.19
N PHE A 134 4.24 11.78 -7.37
CA PHE A 134 3.12 12.68 -7.18
C PHE A 134 2.95 12.99 -5.70
N PHE A 135 2.86 14.29 -5.36
CA PHE A 135 2.68 14.71 -3.98
C PHE A 135 2.01 16.06 -3.96
N GLU A 136 0.83 16.13 -3.40
CA GLU A 136 0.10 17.40 -3.25
C GLU A 136 -0.08 18.18 -4.56
N GLY A 137 -0.48 17.47 -5.61
CA GLY A 137 -0.82 18.13 -6.88
C GLY A 137 0.22 18.24 -7.97
N LYS A 138 1.50 18.02 -7.63
CA LYS A 138 2.56 18.03 -8.62
C LYS A 138 3.56 16.88 -8.37
N TYR A 139 4.54 16.73 -9.27
CA TYR A 139 5.57 15.70 -9.16
C TYR A 139 6.85 16.30 -8.64
N GLY A 140 7.51 15.59 -7.73
CA GLY A 140 8.77 16.07 -7.19
C GLY A 140 9.73 14.93 -6.91
N GLY A 141 11.03 15.25 -6.95
CA GLY A 141 12.06 14.27 -6.68
C GLY A 141 12.20 14.01 -5.19
N MET A 142 13.10 13.09 -4.81
CA MET A 142 13.26 12.79 -3.37
C MET A 142 13.74 14.02 -2.57
N GLU A 143 14.35 15.02 -3.24
CA GLU A 143 14.76 16.25 -2.54
C GLU A 143 13.57 17.02 -1.94
N LEU A 144 12.36 16.80 -2.45
CA LEU A 144 11.16 17.46 -1.93
C LEU A 144 10.92 17.11 -0.43
N PHE A 145 11.38 15.92 -0.01
CA PHE A 145 11.13 15.38 1.31
C PHE A 145 12.29 15.52 2.28
N ARG A 146 13.30 16.33 1.95
CA ARG A 146 14.50 16.47 2.80
C ARG A 146 14.22 16.95 4.21
N ALA A 147 13.13 17.70 4.44
CA ALA A 147 12.83 18.16 5.81
C ALA A 147 12.44 17.04 6.78
N LEU A 148 12.05 15.86 6.24
CA LEU A 148 11.69 14.71 7.05
C LEU A 148 12.86 14.18 7.88
N GLY A 149 14.07 14.28 7.36
CA GLY A 149 15.24 13.74 8.06
C GLY A 149 15.17 12.23 8.09
N CYS A 150 14.76 11.61 6.97
CA CYS A 150 14.78 10.17 6.83
C CYS A 150 15.15 9.82 5.36
N SER A 151 16.25 10.43 4.89
CA SER A 151 16.67 10.29 3.49
C SER A 151 16.93 8.87 3.06
N GLU A 152 17.40 7.97 3.98
CA GLU A 152 17.58 6.57 3.59
C GLU A 152 16.24 5.93 3.21
N LEU A 153 15.22 6.13 4.05
CA LEU A 153 13.89 5.57 3.82
C LEU A 153 13.30 6.11 2.53
N ILE A 154 13.40 7.44 2.30
CA ILE A 154 12.87 8.02 1.06
C ILE A 154 13.59 7.45 -0.15
N SER A 155 14.93 7.36 -0.08
CA SER A 155 15.70 6.79 -1.17
C SER A 155 15.29 5.36 -1.47
N SER A 156 15.05 4.56 -0.42
CA SER A 156 14.64 3.16 -0.54
C SER A 156 13.26 3.04 -1.19
N ILE A 157 12.35 3.96 -0.85
CA ILE A 157 11.02 3.94 -1.43
C ILE A 157 11.09 4.35 -2.89
N PHE A 158 11.91 5.35 -3.22
CA PHE A 158 12.07 5.77 -4.63
C PHE A 158 12.70 4.61 -5.44
N ASP A 159 13.77 3.96 -4.91
CA ASP A 159 14.42 2.82 -5.58
C ASP A 159 13.40 1.70 -5.81
N PHE A 160 12.58 1.39 -4.80
CA PHE A 160 11.53 0.37 -4.91
C PHE A 160 10.51 0.72 -6.01
N SER A 161 10.03 1.96 -6.02
CA SER A 161 9.08 2.44 -7.02
C SER A 161 9.70 2.37 -8.41
N HIS A 162 10.98 2.69 -8.53
CA HIS A 162 11.73 2.64 -9.78
C HIS A 162 11.78 1.20 -10.28
N SER A 163 12.03 0.25 -9.38
CA SER A 163 12.05 -1.17 -9.74
C SER A 163 10.71 -1.68 -10.22
N LEU A 164 9.60 -1.36 -9.50
CA LEU A 164 8.29 -1.79 -9.95
C LEU A 164 7.89 -1.10 -11.25
N SER A 165 8.29 0.18 -11.42
CA SER A 165 7.98 0.91 -12.66
C SER A 165 8.59 0.24 -13.90
N ALA A 166 9.76 -0.41 -13.74
CA ALA A 166 10.39 -1.15 -14.84
C ALA A 166 9.59 -2.40 -15.26
N LEU A 167 8.67 -2.88 -14.42
CA LEU A 167 7.86 -4.06 -14.76
C LEU A 167 6.69 -3.72 -15.69
N HIS A 168 6.30 -2.42 -15.77
CA HIS A 168 5.20 -1.94 -16.61
C HIS A 168 3.91 -2.64 -16.22
N PHE A 169 3.59 -2.66 -14.91
CA PHE A 169 2.38 -3.29 -14.42
C PHE A 169 1.14 -2.70 -15.06
N SER A 170 0.19 -3.57 -15.37
CA SER A 170 -1.12 -3.11 -15.78
C SER A 170 -1.91 -2.91 -14.45
N GLU A 171 -3.06 -2.23 -14.53
CA GLU A 171 -3.91 -2.04 -13.37
C GLU A 171 -4.45 -3.37 -12.85
N ASP A 172 -4.79 -4.31 -13.77
CA ASP A 172 -5.29 -5.62 -13.33
C ASP A 172 -4.17 -6.39 -12.63
N GLU A 173 -2.91 -6.26 -13.07
CA GLU A 173 -1.75 -6.91 -12.42
C GLU A 173 -1.54 -6.32 -11.05
N ILE A 174 -1.65 -4.98 -10.90
CA ILE A 174 -1.53 -4.37 -9.56
C ILE A 174 -2.64 -4.87 -8.64
N ALA A 175 -3.86 -5.05 -9.19
CA ALA A 175 -5.00 -5.54 -8.42
C ALA A 175 -4.72 -6.95 -7.85
N LEU A 176 -4.24 -7.84 -8.70
CA LEU A 176 -4.02 -9.22 -8.36
C LEU A 176 -2.81 -9.36 -7.45
N TYR A 177 -1.76 -8.63 -7.73
CA TYR A 177 -0.57 -8.66 -6.89
C TYR A 177 -0.85 -8.08 -5.49
N THR A 178 -1.55 -6.94 -5.39
CA THR A 178 -1.82 -6.35 -4.06
C THR A 178 -2.79 -7.19 -3.27
N ALA A 179 -3.72 -7.92 -3.92
CA ALA A 179 -4.61 -8.81 -3.18
C ALA A 179 -3.76 -9.89 -2.47
N LEU A 180 -2.74 -10.41 -3.17
CA LEU A 180 -1.85 -11.41 -2.59
C LEU A 180 -0.95 -10.83 -1.52
N VAL A 181 -0.48 -9.60 -1.71
CA VAL A 181 0.34 -8.92 -0.67
C VAL A 181 -0.45 -8.87 0.66
N LEU A 182 -1.77 -8.62 0.56
CA LEU A 182 -2.62 -8.57 1.75
C LEU A 182 -2.95 -9.95 2.34
N ILE A 183 -3.37 -10.89 1.46
CA ILE A 183 -3.78 -12.20 1.95
C ILE A 183 -2.57 -13.10 2.03
N ASN A 184 -1.87 -12.99 3.15
CA ASN A 184 -0.61 -13.70 3.39
C ASN A 184 -0.79 -14.53 4.65
N ALA A 185 -0.87 -15.85 4.50
CA ALA A 185 -1.08 -16.76 5.61
C ALA A 185 0.11 -16.86 6.56
N HIS A 186 1.26 -16.30 6.22
CA HIS A 186 2.43 -16.32 7.10
C HIS A 186 2.45 -15.20 8.12
N ARG A 187 1.50 -14.23 8.07
CA ARG A 187 1.49 -13.15 9.06
C ARG A 187 1.35 -13.72 10.48
N PRO A 188 2.25 -13.34 11.40
CA PRO A 188 2.11 -13.81 12.79
C PRO A 188 0.85 -13.27 13.42
N GLY A 189 0.17 -14.10 14.18
CA GLY A 189 -1.03 -13.69 14.90
C GLY A 189 -2.33 -14.19 14.32
N LEU A 190 -2.28 -14.86 13.17
CA LEU A 190 -3.48 -15.36 12.52
C LEU A 190 -4.02 -16.55 13.29
N GLN A 191 -5.30 -16.48 13.63
CA GLN A 191 -5.99 -17.54 14.37
C GLN A 191 -6.51 -18.61 13.43
N GLU A 192 -7.05 -18.21 12.27
CA GLU A 192 -7.54 -19.19 11.29
C GLU A 192 -6.59 -19.29 10.12
N LYS A 193 -5.38 -19.75 10.41
CA LYS A 193 -4.32 -19.82 9.42
C LYS A 193 -4.67 -20.70 8.21
N ARG A 194 -5.33 -21.85 8.41
CA ARG A 194 -5.72 -22.70 7.28
C ARG A 194 -6.69 -22.00 6.35
N LYS A 195 -7.64 -21.20 6.90
CA LYS A 195 -8.59 -20.47 6.04
C LYS A 195 -7.86 -19.47 5.20
N VAL A 196 -6.89 -18.76 5.81
CA VAL A 196 -6.11 -17.78 5.07
C VAL A 196 -5.24 -18.48 4.02
N GLU A 197 -4.62 -19.63 4.34
CA GLU A 197 -3.83 -20.36 3.33
C GLU A 197 -4.66 -20.71 2.07
N GLN A 198 -5.91 -21.18 2.25
CA GLN A 198 -6.73 -21.55 1.09
C GLN A 198 -7.11 -20.33 0.29
N LEU A 199 -7.47 -19.23 0.97
CA LEU A 199 -7.80 -17.99 0.26
C LEU A 199 -6.55 -17.50 -0.53
N GLN A 200 -5.36 -17.53 0.11
CA GLN A 200 -4.11 -17.14 -0.55
C GLN A 200 -3.84 -18.04 -1.78
N TYR A 201 -4.05 -19.36 -1.65
CA TYR A 201 -3.81 -20.31 -2.75
C TYR A 201 -4.71 -19.93 -3.96
N ASN A 202 -5.99 -19.64 -3.67
CA ASN A 202 -6.91 -19.26 -4.76
C ASN A 202 -6.56 -17.91 -5.39
N LEU A 203 -6.14 -16.92 -4.57
CA LEU A 203 -5.71 -15.61 -5.13
C LEU A 203 -4.41 -15.74 -5.93
N GLU A 204 -3.55 -16.69 -5.52
CA GLU A 204 -2.31 -16.95 -6.23
C GLU A 204 -2.63 -17.58 -7.59
N LEU A 205 -3.59 -18.51 -7.62
CA LEU A 205 -4.03 -19.11 -8.89
C LEU A 205 -4.66 -18.05 -9.77
N ALA A 206 -5.46 -17.13 -9.19
CA ALA A 206 -6.08 -16.08 -9.98
C ALA A 206 -5.02 -15.20 -10.61
N PHE A 207 -4.01 -14.79 -9.82
CA PHE A 207 -2.95 -13.94 -10.35
C PHE A 207 -2.16 -14.68 -11.46
N HIS A 208 -1.73 -15.91 -11.18
CA HIS A 208 -0.93 -16.68 -12.13
C HIS A 208 -1.73 -17.06 -13.37
N HIS A 209 -3.04 -17.31 -13.23
CA HIS A 209 -3.92 -17.59 -14.36
C HIS A 209 -3.97 -16.38 -15.29
N HIS A 210 -4.18 -15.18 -14.70
CA HIS A 210 -4.23 -13.96 -15.48
C HIS A 210 -2.91 -13.71 -16.21
N LEU A 211 -1.78 -13.97 -15.52
CA LEU A 211 -0.47 -13.78 -16.13
C LEU A 211 -0.27 -14.78 -17.30
N CYS A 212 -0.70 -16.01 -17.11
CA CYS A 212 -0.61 -17.07 -18.13
C CYS A 212 -1.42 -16.65 -19.35
N LYS A 213 -2.69 -16.25 -19.14
CA LYS A 213 -3.61 -15.84 -20.21
C LYS A 213 -3.10 -14.62 -20.98
N THR A 214 -2.41 -13.70 -20.29
CA THR A 214 -1.93 -12.48 -20.92
C THR A 214 -0.45 -12.53 -21.32
N HIS A 215 0.18 -13.73 -21.29
CA HIS A 215 1.59 -13.92 -21.69
C HIS A 215 2.54 -13.00 -20.90
N ARG A 216 2.25 -12.87 -19.61
CA ARG A 216 3.01 -12.01 -18.71
C ARG A 216 3.62 -12.77 -17.52
N GLN A 217 3.72 -14.10 -17.64
CA GLN A 217 4.27 -14.91 -16.57
C GLN A 217 5.76 -14.58 -16.29
N SER A 218 6.47 -13.95 -17.24
CA SER A 218 7.87 -13.56 -17.02
C SER A 218 8.06 -12.49 -15.92
N ILE A 219 6.96 -11.86 -15.45
CA ILE A 219 7.09 -10.88 -14.36
C ILE A 219 7.28 -11.54 -12.98
N LEU A 220 6.87 -12.81 -12.81
CA LEU A 220 6.96 -13.47 -11.50
C LEU A 220 8.36 -13.52 -10.91
N ALA A 221 9.37 -13.90 -11.72
CA ALA A 221 10.76 -13.93 -11.25
C ALA A 221 11.29 -12.52 -10.96
N LYS A 222 10.66 -11.48 -11.53
CA LYS A 222 11.06 -10.07 -11.37
C LYS A 222 10.37 -9.37 -10.21
N LEU A 223 9.37 -9.99 -9.58
CA LEU A 223 8.67 -9.36 -8.46
C LEU A 223 9.64 -9.22 -7.29
N PRO A 224 9.51 -8.18 -6.46
CA PRO A 224 10.45 -8.02 -5.33
C PRO A 224 10.27 -9.14 -4.30
N PRO A 225 11.37 -9.55 -3.64
CA PRO A 225 11.21 -10.55 -2.54
C PRO A 225 10.32 -10.00 -1.41
N LYS A 226 9.57 -10.85 -0.65
CA LYS A 226 8.72 -10.35 0.46
C LYS A 226 9.54 -9.60 1.53
N GLY A 227 10.79 -10.01 1.71
CA GLY A 227 11.73 -9.36 2.62
C GLY A 227 11.94 -7.89 2.28
N LYS A 228 11.78 -7.52 0.99
CA LYS A 228 11.96 -6.16 0.55
C LYS A 228 10.81 -5.27 1.08
N LEU A 229 9.55 -5.72 0.92
CA LEU A 229 8.41 -4.92 1.42
C LEU A 229 8.46 -4.84 2.95
N ARG A 230 8.89 -5.94 3.59
CA ARG A 230 9.06 -6.00 5.03
C ARG A 230 10.11 -5.01 5.51
N SER A 231 11.26 -4.93 4.83
CA SER A 231 12.35 -4.01 5.20
C SER A 231 11.87 -2.57 5.10
N LEU A 232 11.14 -2.23 4.03
CA LEU A 232 10.61 -0.87 3.87
C LEU A 232 9.66 -0.52 5.00
N CYS A 233 8.76 -1.46 5.36
CA CYS A 233 7.83 -1.21 6.45
C CYS A 233 8.53 -1.08 7.79
N SER A 234 9.57 -1.87 8.00
CA SER A 234 10.37 -1.82 9.21
C SER A 234 11.09 -0.50 9.30
N GLN A 235 11.67 -0.01 8.19
CA GLN A 235 12.35 1.28 8.20
C GLN A 235 11.36 2.38 8.51
N HIS A 236 10.16 2.35 7.90
CA HIS A 236 9.13 3.36 8.19
C HIS A 236 8.80 3.42 9.71
N VAL A 237 8.58 2.24 10.35
CA VAL A 237 8.28 2.22 11.78
C VAL A 237 9.50 2.75 12.61
N GLU A 238 10.71 2.41 12.18
CA GLU A 238 11.92 2.84 12.91
C GLU A 238 12.09 4.35 12.82
N ARG A 239 11.89 4.93 11.63
CA ARG A 239 12.00 6.39 11.49
C ARG A 239 10.90 7.11 12.25
N LEU A 240 9.67 6.53 12.28
CA LEU A 240 8.57 7.12 13.03
C LEU A 240 8.93 7.13 14.53
N GLN A 241 9.55 6.05 15.04
CA GLN A 241 9.97 5.98 16.45
C GLN A 241 10.96 7.06 16.78
N ILE A 242 11.88 7.34 15.86
CA ILE A 242 12.87 8.40 16.02
C ILE A 242 12.18 9.75 16.04
N PHE A 243 11.25 9.99 15.09
CA PHE A 243 10.55 11.26 15.03
C PHE A 243 9.70 11.46 16.30
N GLN A 244 9.05 10.38 16.77
CA GLN A 244 8.20 10.39 17.96
C GLN A 244 8.96 10.74 19.23
N HIS A 245 10.22 10.34 19.32
CA HIS A 245 11.06 10.72 20.46
C HIS A 245 11.37 12.23 20.41
N LEU A 246 11.53 12.80 19.20
CA LEU A 246 11.81 14.22 19.02
C LEU A 246 10.58 15.11 19.24
N HIS A 247 9.40 14.68 18.77
CA HIS A 247 8.18 15.50 18.79
C HIS A 247 7.00 14.67 19.29
N PRO A 248 7.07 14.16 20.55
CA PRO A 248 6.00 13.28 21.01
C PRO A 248 4.62 13.89 20.98
N ILE A 249 4.51 15.19 21.28
CA ILE A 249 3.20 15.84 21.32
C ILE A 249 2.63 16.04 19.92
N VAL A 250 3.49 16.19 18.90
CA VAL A 250 3.03 16.26 17.51
C VAL A 250 2.33 14.92 17.14
N VAL A 251 2.98 13.79 17.47
CA VAL A 251 2.35 12.48 17.20
C VAL A 251 1.05 12.31 18.01
N GLN A 252 1.09 12.63 19.30
CA GLN A 252 -0.08 12.48 20.15
C GLN A 252 -1.25 13.38 19.73
N ALA A 253 -0.97 14.64 19.38
CA ALA A 253 -2.04 15.61 19.08
C ALA A 253 -2.45 15.78 17.63
N ALA A 254 -1.52 15.56 16.69
CA ALA A 254 -1.79 15.87 15.29
C ALA A 254 -1.57 14.76 14.29
N PHE A 255 -1.15 13.57 14.73
CA PHE A 255 -1.04 12.44 13.77
C PHE A 255 -2.41 11.77 13.69
N PRO A 256 -2.79 11.25 12.51
CA PRO A 256 -4.10 10.60 12.41
C PRO A 256 -4.19 9.35 13.31
N PRO A 257 -5.35 9.16 13.96
CA PRO A 257 -5.52 7.99 14.84
C PRO A 257 -5.28 6.65 14.13
N LEU A 258 -5.77 6.48 12.89
CA LEU A 258 -5.57 5.21 12.16
C LEU A 258 -4.07 4.97 11.93
N TYR A 259 -3.33 6.03 11.60
CA TYR A 259 -1.86 5.92 11.41
C TYR A 259 -1.20 5.42 12.71
N LYS A 260 -1.60 5.97 13.87
CA LYS A 260 -1.04 5.55 15.13
C LYS A 260 -1.42 4.12 15.47
N GLU A 261 -2.67 3.70 15.14
CA GLU A 261 -3.08 2.32 15.38
C GLU A 261 -2.21 1.34 14.57
N LEU A 262 -1.86 1.70 13.33
CA LEU A 262 -1.06 0.79 12.50
C LEU A 262 0.44 0.80 12.77
N PHE A 263 0.98 1.96 13.15
CA PHE A 263 2.43 2.12 13.20
C PHE A 263 3.04 2.40 14.56
N SER A 264 2.24 2.82 15.54
CA SER A 264 2.79 3.09 16.88
C SER A 264 1.99 2.43 18.01
N GLY A 265 1.20 1.40 17.70
CA GLY A 265 0.43 0.67 18.69
C GLY A 265 -0.63 1.46 19.45
N GLY A 266 -1.16 2.50 18.83
CA GLY A 266 -2.20 3.30 19.45
C GLY A 266 -2.02 4.80 19.26
N LYS B 4 -4.35 4.83 22.56
CA LYS B 4 -5.31 3.73 22.47
C LYS B 4 -6.33 3.99 21.34
N HIS B 5 -5.82 4.19 20.11
CA HIS B 5 -6.71 4.45 18.97
C HIS B 5 -7.11 3.16 18.28
N LYS B 6 -8.43 2.94 18.09
CA LYS B 6 -8.96 1.73 17.46
C LYS B 6 -9.96 2.04 16.33
N ILE B 7 -9.45 2.59 15.23
CA ILE B 7 -10.26 2.98 14.07
C ILE B 7 -10.55 1.80 13.14
N LEU B 8 -9.62 0.84 13.06
CA LEU B 8 -9.77 -0.33 12.20
C LEU B 8 -11.06 -1.08 12.40
N HIS B 9 -11.41 -1.43 13.65
CA HIS B 9 -12.65 -2.16 13.90
C HIS B 9 -13.87 -1.32 13.49
N ARG B 10 -13.82 0.00 13.66
CA ARG B 10 -14.92 0.88 13.22
C ARG B 10 -15.05 0.86 11.69
N LEU B 11 -13.93 0.97 10.97
CA LEU B 11 -13.96 0.93 9.49
C LEU B 11 -14.46 -0.44 8.99
N LEU B 12 -14.04 -1.51 9.66
CA LEU B 12 -14.42 -2.86 9.29
C LEU B 12 -15.91 -3.11 9.54
N GLN B 13 -16.43 -2.60 10.65
CA GLN B 13 -17.83 -2.78 11.06
C GLN B 13 -18.81 -1.88 10.36
N ASP B 14 -18.35 -0.77 9.77
CA ASP B 14 -19.23 0.17 9.10
C ASP B 14 -19.65 -0.33 7.73
N SER B 15 -20.93 -0.60 7.54
CA SER B 15 -21.46 -1.07 6.27
C SER B 15 -22.45 -0.07 5.66
C1 VCH C . -2.58 13.81 -2.56
C2 VCH C . -1.25 13.13 -2.69
C7 VCH C . -2.48 8.77 -4.72
C8 VCH C . -1.68 7.72 -5.11
C9 VCH C . -0.31 7.75 -5.02
C10 VCH C . 0.32 8.85 -4.48
C11 VCH C . -0.47 9.90 -4.07
C12 VCH C . -0.01 11.19 -3.47
C13 VCH C . 0.65 10.91 -2.14
C16 VCH C . 2.94 10.53 -1.27
C19 VCH C . 4.82 9.78 0.63
C20 VCH C . 3.50 9.96 0.99
C21 VCH C . 2.57 10.33 0.04
C22 VCH C . 5.85 9.38 1.69
C24 VCH C . 6.97 10.40 1.72
C35 VCH C . -2.57 5.14 -4.48
O3 VCH C . -0.21 13.69 -2.40
N4 VCH C . -1.27 11.82 -3.16
C5 VCH C . -2.45 11.11 -3.66
C6 VCH C . -1.83 9.86 -4.18
O14 VCH C . -0.01 10.67 -1.15
N15 VCH C . 2.02 10.92 -2.27
C17 VCH C . 4.26 10.35 -1.63
C18 VCH C . 5.19 9.98 -0.67
O23 VCH C . 5.26 9.35 2.98
F25 VCH C . 7.78 10.15 2.76
F26 VCH C . 7.74 10.44 0.58
F27 VCH C . 6.47 11.64 1.90
C28 VCH C . 6.43 7.99 1.43
F29 VCH C . 7.33 7.62 2.38
F30 VCH C . 7.02 7.93 0.22
F31 VCH C . 5.44 7.08 1.43
S32 VCH C . -2.42 6.27 -5.84
O33 VCH C . -3.79 6.60 -6.24
O34 VCH C . -1.46 5.75 -6.77
S DMS D . 6.71 9.09 6.32
O DMS D . 6.22 8.55 5.05
C1 DMS D . 5.27 9.29 7.35
C2 DMS D . 7.54 7.76 7.08
S DMS E . -10.69 -8.81 -15.45
O DMS E . -11.42 -7.54 -15.54
C1 DMS E . -11.72 -10.00 -16.26
C2 DMS E . -9.43 -8.73 -16.69
NA NA F . 5.40 4.22 -12.39
#